data_8STH
#
_entry.id   8STH
#
_cell.length_a   112.550
_cell.length_b   112.550
_cell.length_c   36.195
_cell.angle_alpha   90.00
_cell.angle_beta   90.00
_cell.angle_gamma   90.00
#
_symmetry.space_group_name_H-M   'P 41 21 2'
#
loop_
_entity.id
_entity.type
_entity.pdbx_description
1 polymer 'Stimulator of interferon genes protein'
2 non-polymer 1-[(2E)-4-{5-carbamoyl-2-[(4-ethyl-2-methyl-1,3-oxazole-5-carbonyl)amino]-7-(3-hydroxypropoxy)-1H-benzimidazol-1-yl}but-2-en-1-yl]-2-[(4-ethyl-2-methyl-1,3-oxazole-5-carbonyl)amino]-7-methoxy-1H-benzimidazole-5-carboxamide
3 water water
#
_entity_poly.entity_id   1
_entity_poly.type   'polypeptide(L)'
_entity_poly.pdbx_seq_one_letter_code
;FNVAHGLAWSYYIGYLRLILPELQARIRTYNQHYNNLLRGAVSQRLYILLPLDCGVPDNLSMADPNIRFLDKLPQQTGDR
AGIKDRVYSNSIYELLENGQRAGTCVLEYATPLQTLFAMSQYSQAGFSREDRLEQAKLFCRTLEDILADAPESQNNCRLI
AYQEPADDSSFSLSQEVLRHLRQEEKE
;
_entity_poly.pdbx_strand_id   A
#
loop_
_chem_comp.id
_chem_comp.type
_chem_comp.name
_chem_comp.formula
WWU non-polymer 1-[(2E)-4-{5-carbamoyl-2-[(4-ethyl-2-methyl-1,3-oxazole-5-carbonyl)amino]-7-(3-hydroxypropoxy)-1H-benzimidazol-1-yl}but-2-en-1-yl]-2-[(4-ethyl-2-methyl-1,3-oxazole-5-carbonyl)amino]-7-methoxy-1H-benzimidazole-5-carboxamide 'C38 H42 N10 O9'
#
# COMPACT_ATOMS: atom_id res chain seq x y z
N PHE A 1 -19.06 12.24 -6.73
CA PHE A 1 -19.50 12.59 -5.33
C PHE A 1 -18.84 11.67 -4.29
N ASN A 2 -19.04 10.37 -4.46
CA ASN A 2 -18.26 9.33 -3.79
C ASN A 2 -17.05 9.08 -4.71
N VAL A 3 -16.19 10.10 -4.84
CA VAL A 3 -15.02 10.11 -5.72
C VAL A 3 -14.13 8.88 -5.43
N ALA A 4 -14.02 8.51 -4.15
CA ALA A 4 -13.19 7.38 -3.74
C ALA A 4 -13.58 6.04 -4.38
N HIS A 5 -14.87 5.85 -4.75
CA HIS A 5 -15.35 4.59 -5.35
C HIS A 5 -14.71 4.39 -6.74
N GLY A 6 -14.79 5.40 -7.58
CA GLY A 6 -14.17 5.40 -8.92
C GLY A 6 -12.65 5.21 -8.88
N LEU A 7 -12.00 5.89 -7.95
CA LEU A 7 -10.52 5.77 -7.80
C LEU A 7 -10.09 4.35 -7.37
N ALA A 8 -10.85 3.71 -6.48
CA ALA A 8 -10.57 2.31 -6.10
C ALA A 8 -10.65 1.36 -7.32
N TRP A 9 -11.74 1.49 -8.09
CA TRP A 9 -11.98 0.65 -9.24
C TRP A 9 -10.90 0.89 -10.33
N SER A 10 -10.54 2.15 -10.55
CA SER A 10 -9.47 2.51 -11.53
C SER A 10 -8.11 1.95 -11.09
N TYR A 11 -7.80 2.13 -9.82
CA TYR A 11 -6.52 1.60 -9.23
C TYR A 11 -6.42 0.08 -9.39
N TYR A 12 -7.53 -0.63 -9.18
CA TYR A 12 -7.62 -2.05 -9.45
C TYR A 12 -7.48 -2.34 -10.93
N ILE A 13 -8.32 -1.72 -11.77
CA ILE A 13 -8.37 -2.08 -13.20
C ILE A 13 -7.08 -1.77 -13.96
N GLY A 14 -6.57 -0.55 -13.74
CA GLY A 14 -5.41 -0.05 -14.51
C GLY A 14 -4.05 -0.30 -13.86
N TYR A 15 -3.99 -0.88 -12.65
CA TYR A 15 -2.68 -1.18 -11.97
C TYR A 15 -2.66 -2.55 -11.28
N LEU A 16 -3.39 -2.72 -10.19
CA LEU A 16 -3.31 -3.99 -9.40
C LEU A 16 -3.59 -5.29 -10.21
N ARG A 17 -4.67 -5.33 -11.00
N ARG A 17 -4.67 -5.30 -10.99
CA ARG A 17 -4.96 -6.51 -11.84
CA ARG A 17 -4.99 -6.42 -11.89
C ARG A 17 -3.88 -6.79 -12.93
C ARG A 17 -3.87 -6.77 -12.91
N LEU A 18 -3.04 -5.79 -13.26
CA LEU A 18 -1.95 -5.95 -14.22
C LEU A 18 -0.64 -6.35 -13.55
N ILE A 19 -0.30 -5.73 -12.43
CA ILE A 19 0.96 -6.03 -11.73
C ILE A 19 0.89 -7.33 -10.85
N LEU A 20 -0.22 -7.57 -10.15
CA LEU A 20 -0.26 -8.64 -9.16
C LEU A 20 -0.04 -10.11 -9.65
N PRO A 21 -0.61 -10.53 -10.82
CA PRO A 21 -0.32 -11.89 -11.34
C PRO A 21 1.16 -12.21 -11.67
N GLU A 22 1.98 -11.19 -11.93
CA GLU A 22 3.41 -11.37 -12.20
C GLU A 22 4.32 -11.15 -10.98
N LEU A 23 3.75 -10.82 -9.80
CA LEU A 23 4.54 -10.44 -8.62
C LEU A 23 5.28 -11.58 -8.00
N GLN A 24 4.59 -12.69 -7.73
CA GLN A 24 5.19 -13.92 -7.17
C GLN A 24 6.46 -14.34 -7.93
N ALA A 25 6.43 -14.32 -9.25
CA ALA A 25 7.57 -14.70 -10.11
C ALA A 25 8.76 -13.74 -10.04
N ARG A 26 8.50 -12.43 -10.00
CA ARG A 26 9.58 -11.43 -9.84
C ARG A 26 10.22 -11.54 -8.44
N ILE A 27 9.38 -11.73 -7.43
CA ILE A 27 9.87 -12.01 -6.05
C ILE A 27 10.71 -13.31 -5.97
N ARG A 28 10.16 -14.41 -6.51
CA ARG A 28 10.88 -15.72 -6.53
C ARG A 28 12.18 -15.68 -7.33
N THR A 29 12.22 -14.91 -8.41
CA THR A 29 13.46 -14.62 -9.15
C THR A 29 14.50 -13.87 -8.29
N TYR A 30 14.05 -12.87 -7.52
CA TYR A 30 14.94 -12.10 -6.61
C TYR A 30 15.51 -12.96 -5.48
N ASN A 31 14.67 -13.81 -4.90
CA ASN A 31 15.07 -14.77 -3.85
C ASN A 31 15.96 -15.94 -4.28
N GLN A 32 16.24 -16.06 -5.58
CA GLN A 32 17.34 -16.89 -6.09
C GLN A 32 18.61 -16.06 -6.37
N HIS A 33 18.48 -14.99 -7.16
CA HIS A 33 19.61 -14.26 -7.79
C HIS A 33 20.17 -13.08 -6.98
N TYR A 34 19.38 -12.00 -6.85
CA TYR A 34 19.79 -10.74 -6.19
C TYR A 34 19.29 -10.68 -4.74
N GLY A 40 18.54 -12.93 3.83
CA GLY A 40 17.16 -13.28 4.18
C GLY A 40 16.15 -12.95 3.08
N ALA A 41 15.16 -13.82 2.92
CA ALA A 41 14.27 -13.82 1.77
C ALA A 41 13.20 -12.71 1.89
N VAL A 42 12.82 -12.14 0.75
CA VAL A 42 11.77 -11.11 0.67
C VAL A 42 10.44 -11.87 0.77
N SER A 43 9.52 -11.38 1.58
CA SER A 43 8.16 -11.97 1.67
C SER A 43 7.34 -11.89 0.35
N GLN A 44 6.27 -12.69 0.25
CA GLN A 44 5.60 -13.00 -1.03
C GLN A 44 4.56 -11.99 -1.59
N ARG A 45 4.13 -11.03 -0.78
CA ARG A 45 2.98 -10.14 -1.17
C ARG A 45 3.38 -8.69 -1.38
N LEU A 46 2.57 -7.94 -2.12
CA LEU A 46 2.69 -6.48 -2.13
C LEU A 46 1.95 -5.90 -0.94
N TYR A 47 2.70 -5.22 -0.07
CA TYR A 47 2.14 -4.51 1.09
C TYR A 47 1.82 -3.05 0.72
N ILE A 48 0.54 -2.70 0.78
CA ILE A 48 0.05 -1.42 0.31
C ILE A 48 -0.30 -0.55 1.55
N LEU A 49 0.35 0.60 1.64
CA LEU A 49 0.18 1.52 2.75
C LEU A 49 -0.96 2.46 2.44
N LEU A 50 -1.95 2.48 3.35
CA LEU A 50 -3.13 3.34 3.25
C LEU A 50 -3.25 4.29 4.46
N PRO A 51 -2.44 5.39 4.49
CA PRO A 51 -2.59 6.37 5.54
C PRO A 51 -3.93 7.11 5.39
N LEU A 52 -4.83 6.95 6.36
CA LEU A 52 -6.16 7.57 6.29
C LEU A 52 -6.12 9.12 6.39
N ASP A 53 -5.02 9.69 6.89
CA ASP A 53 -4.75 11.13 6.71
C ASP A 53 -4.42 11.58 5.25
N CYS A 54 -4.28 10.65 4.30
CA CYS A 54 -3.93 10.94 2.87
C CYS A 54 -2.52 11.58 2.68
N GLY A 55 -1.64 11.46 3.68
CA GLY A 55 -0.28 12.02 3.64
C GLY A 55 0.63 10.98 2.96
N VAL A 56 1.03 11.27 1.72
CA VAL A 56 1.96 10.42 0.96
C VAL A 56 3.12 11.36 0.61
N PRO A 57 4.36 11.09 1.08
CA PRO A 57 5.50 11.92 0.64
C PRO A 57 5.65 12.08 -0.90
N ASP A 58 6.08 13.28 -1.32
CA ASP A 58 6.30 13.64 -2.75
C ASP A 58 7.29 12.70 -3.46
N ASN A 59 8.39 12.33 -2.79
CA ASN A 59 9.36 11.36 -3.32
C ASN A 59 9.03 9.88 -3.00
N LEU A 60 7.78 9.57 -2.62
CA LEU A 60 7.35 8.24 -2.09
C LEU A 60 8.36 7.53 -1.12
N SER A 61 9.09 8.36 -0.35
CA SER A 61 10.23 7.95 0.46
C SER A 61 9.78 7.96 1.90
N MET A 62 10.14 6.91 2.64
CA MET A 62 9.65 6.70 4.01
C MET A 62 10.57 7.31 5.08
N ALA A 63 10.00 8.25 5.84
CA ALA A 63 10.67 8.99 6.92
C ALA A 63 11.24 8.10 8.00
N ASP A 64 10.46 7.07 8.36
CA ASP A 64 10.79 6.15 9.45
C ASP A 64 12.15 5.45 9.16
N PRO A 65 13.21 5.75 9.97
CA PRO A 65 14.48 5.03 9.75
C PRO A 65 14.46 3.52 10.09
N ASN A 66 13.39 3.03 10.71
CA ASN A 66 13.17 1.59 10.90
C ASN A 66 12.58 0.90 9.65
N ILE A 67 12.38 1.66 8.56
CA ILE A 67 11.92 1.15 7.29
C ILE A 67 13.02 1.58 6.31
N ARG A 68 13.95 0.68 5.99
CA ARG A 68 15.18 1.02 5.26
C ARG A 68 15.17 0.39 3.85
N PHE A 69 15.22 1.23 2.81
CA PHE A 69 15.34 0.78 1.40
C PHE A 69 16.46 -0.26 1.19
N LEU A 70 16.13 -1.41 0.59
CA LEU A 70 17.17 -2.39 0.21
C LEU A 70 17.46 -2.36 -1.30
N ASP A 71 16.42 -2.48 -2.12
CA ASP A 71 16.58 -2.70 -3.57
C ASP A 71 15.27 -2.54 -4.33
N LYS A 72 15.37 -2.33 -5.63
CA LYS A 72 14.22 -2.41 -6.58
C LYS A 72 13.98 -3.87 -6.96
N LEU A 73 12.72 -4.31 -7.07
CA LEU A 73 12.41 -5.61 -7.70
C LEU A 73 12.78 -5.57 -9.18
N PRO A 74 13.39 -6.65 -9.73
CA PRO A 74 13.58 -6.69 -11.20
C PRO A 74 12.26 -6.80 -11.96
N GLN A 75 12.28 -6.43 -13.25
CA GLN A 75 11.11 -6.54 -14.14
C GLN A 75 10.76 -8.00 -14.48
N GLN A 76 9.51 -8.21 -14.94
CA GLN A 76 9.06 -9.48 -15.50
C GLN A 76 9.50 -9.63 -16.96
N ARG A 86 5.71 -1.20 -20.44
CA ARG A 86 5.26 -1.09 -19.05
C ARG A 86 6.39 -1.43 -18.04
N VAL A 87 6.99 -0.40 -17.47
CA VAL A 87 8.04 -0.49 -16.47
C VAL A 87 7.40 -0.26 -15.08
N TYR A 88 7.62 -1.17 -14.13
CA TYR A 88 7.12 -1.06 -12.72
C TYR A 88 8.30 -0.94 -11.78
N SER A 89 8.32 0.14 -11.00
CA SER A 89 9.34 0.41 -10.00
C SER A 89 8.71 0.10 -8.68
N ASN A 90 9.16 -1.00 -8.07
CA ASN A 90 8.61 -1.48 -6.78
C ASN A 90 9.85 -1.75 -5.90
N SER A 91 9.78 -1.26 -4.68
CA SER A 91 10.92 -1.16 -3.80
C SER A 91 10.79 -2.21 -2.70
N ILE A 92 11.90 -2.87 -2.38
CA ILE A 92 12.03 -3.82 -1.27
C ILE A 92 12.64 -3.08 -0.06
N TYR A 93 12.01 -3.20 1.10
CA TYR A 93 12.47 -2.56 2.34
C TYR A 93 12.75 -3.60 3.42
N GLU A 94 13.77 -3.34 4.23
CA GLU A 94 14.01 -4.05 5.50
C GLU A 94 13.32 -3.30 6.69
N LEU A 95 12.62 -4.04 7.55
CA LEU A 95 11.93 -3.53 8.74
C LEU A 95 12.81 -3.80 9.95
N LEU A 96 13.17 -2.74 10.68
CA LEU A 96 14.06 -2.84 11.83
C LEU A 96 13.24 -2.71 13.11
N GLU A 97 13.65 -3.46 14.13
CA GLU A 97 13.05 -3.45 15.47
C GLU A 97 14.14 -3.54 16.51
N ASN A 98 14.27 -2.47 17.30
CA ASN A 98 15.34 -2.33 18.30
C ASN A 98 16.74 -2.71 17.78
N GLY A 99 17.07 -2.17 16.62
CA GLY A 99 18.34 -2.43 15.95
C GLY A 99 18.50 -3.77 15.20
N GLN A 100 17.44 -4.57 15.07
CA GLN A 100 17.51 -5.90 14.46
C GLN A 100 16.72 -5.98 13.20
N ARG A 101 17.27 -6.67 12.17
CA ARG A 101 16.48 -6.92 10.95
C ARG A 101 15.38 -7.90 11.29
N ALA A 102 14.14 -7.48 11.15
CA ALA A 102 12.98 -8.27 11.58
C ALA A 102 12.03 -8.70 10.47
N GLY A 103 12.23 -8.19 9.25
CA GLY A 103 11.40 -8.54 8.11
C GLY A 103 11.89 -7.85 6.85
N THR A 104 11.47 -8.37 5.71
CA THR A 104 11.84 -7.82 4.39
C THR A 104 10.65 -7.98 3.47
N CYS A 105 10.17 -6.87 2.89
CA CYS A 105 8.98 -6.95 2.01
C CYS A 105 8.96 -5.86 0.96
N VAL A 106 8.07 -6.04 0.00
CA VAL A 106 7.82 -5.12 -1.09
C VAL A 106 6.70 -4.22 -0.54
N LEU A 107 6.95 -2.92 -0.49
CA LEU A 107 6.09 -2.00 0.26
C LEU A 107 5.87 -0.75 -0.57
N GLU A 108 4.65 -0.24 -0.62
CA GLU A 108 4.40 1.04 -1.31
C GLU A 108 3.08 1.69 -0.91
N TYR A 109 2.99 2.98 -1.15
CA TYR A 109 1.78 3.77 -0.83
C TYR A 109 0.68 3.56 -1.89
N ALA A 110 -0.56 3.54 -1.43
CA ALA A 110 -1.71 3.66 -2.31
C ALA A 110 -1.79 5.12 -2.75
N THR A 111 -1.15 5.40 -3.88
CA THR A 111 -1.07 6.74 -4.41
C THR A 111 -2.43 7.44 -4.69
N PRO A 112 -3.55 6.73 -4.92
CA PRO A 112 -4.82 7.50 -5.00
C PRO A 112 -5.24 8.31 -3.77
N LEU A 113 -4.71 7.98 -2.58
CA LEU A 113 -4.93 8.79 -1.40
C LEU A 113 -4.29 10.16 -1.56
N GLN A 114 -3.12 10.19 -2.23
CA GLN A 114 -2.43 11.45 -2.54
C GLN A 114 -3.28 12.31 -3.47
N THR A 115 -3.92 11.66 -4.45
CA THR A 115 -4.86 12.31 -5.35
C THR A 115 -6.04 12.95 -4.62
N LEU A 116 -6.63 12.25 -3.64
CA LEU A 116 -7.69 12.83 -2.79
C LEU A 116 -7.19 14.09 -2.08
N PHE A 117 -5.97 14.03 -1.53
CA PHE A 117 -5.38 15.17 -0.88
C PHE A 117 -5.25 16.34 -1.84
N ALA A 118 -4.76 16.07 -3.04
CA ALA A 118 -4.51 17.13 -4.04
C ALA A 118 -5.81 17.72 -4.53
N MET A 119 -6.82 16.87 -4.74
CA MET A 119 -8.17 17.35 -5.10
C MET A 119 -8.78 18.29 -4.07
N SER A 120 -8.59 17.94 -2.80
CA SER A 120 -8.99 18.80 -1.71
C SER A 120 -8.39 20.26 -1.75
N GLN A 121 -7.15 20.39 -2.25
N GLN A 121 -7.15 20.40 -2.25
CA GLN A 121 -6.46 21.71 -2.44
CA GLN A 121 -6.47 21.71 -2.41
C GLN A 121 -6.90 22.56 -3.62
C GLN A 121 -6.87 22.55 -3.63
N TYR A 122 -7.51 21.93 -4.63
CA TYR A 122 -7.90 22.63 -5.88
C TYR A 122 -9.33 23.15 -5.81
N SER A 123 -9.50 24.46 -5.97
CA SER A 123 -10.79 25.11 -5.83
C SER A 123 -11.85 24.59 -6.82
N GLN A 124 -11.42 24.22 -8.02
N GLN A 124 -11.47 24.21 -8.03
CA GLN A 124 -12.30 23.75 -9.09
CA GLN A 124 -12.47 23.78 -9.00
C GLN A 124 -12.81 22.30 -8.93
C GLN A 124 -12.83 22.27 -8.95
N ALA A 125 -12.14 21.48 -8.11
CA ALA A 125 -12.48 20.10 -7.88
C ALA A 125 -13.75 19.81 -7.08
N GLY A 126 -14.36 20.77 -6.38
CA GLY A 126 -15.56 20.51 -5.54
C GLY A 126 -15.34 19.48 -4.41
N PHE A 127 -14.14 19.46 -3.86
CA PHE A 127 -13.75 18.45 -2.88
C PHE A 127 -13.34 19.20 -1.62
N SER A 128 -14.19 19.10 -0.60
CA SER A 128 -13.96 19.80 0.65
C SER A 128 -12.75 19.22 1.40
N ARG A 129 -11.89 20.08 1.94
N ARG A 129 -11.92 20.11 1.94
CA ARG A 129 -10.76 19.62 2.77
CA ARG A 129 -10.77 19.75 2.78
C ARG A 129 -11.18 18.68 3.91
C ARG A 129 -11.08 18.87 4.02
N GLU A 130 -12.28 19.03 4.58
CA GLU A 130 -12.77 18.23 5.74
C GLU A 130 -13.38 16.83 5.36
N ASP A 131 -13.49 16.50 4.05
CA ASP A 131 -13.95 15.18 3.53
C ASP A 131 -12.86 14.16 3.24
N ARG A 132 -11.59 14.50 3.50
CA ARG A 132 -10.50 13.58 3.24
C ARG A 132 -10.56 12.26 4.01
N LEU A 133 -10.85 12.31 5.30
CA LEU A 133 -10.92 11.07 6.10
C LEU A 133 -12.04 10.12 5.60
N GLU A 134 -13.22 10.68 5.36
CA GLU A 134 -14.36 9.91 4.87
C GLU A 134 -14.06 9.26 3.51
N GLN A 135 -13.47 10.01 2.57
CA GLN A 135 -13.14 9.44 1.27
C GLN A 135 -12.01 8.40 1.34
N ALA A 136 -11.03 8.61 2.22
CA ALA A 136 -9.98 7.63 2.43
C ALA A 136 -10.56 6.30 2.97
N LYS A 137 -11.46 6.39 3.94
CA LYS A 137 -12.12 5.21 4.48
C LYS A 137 -12.95 4.51 3.38
N LEU A 138 -13.67 5.29 2.55
CA LEU A 138 -14.42 4.70 1.43
C LEU A 138 -13.51 4.05 0.37
N PHE A 139 -12.36 4.67 0.08
CA PHE A 139 -11.34 4.07 -0.81
C PHE A 139 -10.87 2.68 -0.29
N CYS A 140 -10.55 2.61 1.00
N CYS A 140 -10.56 2.60 1.01
CA CYS A 140 -10.09 1.40 1.66
CA CYS A 140 -10.07 1.37 1.61
C CYS A 140 -11.15 0.29 1.61
C CYS A 140 -11.15 0.27 1.63
N ARG A 141 -12.37 0.63 2.01
CA ARG A 141 -13.53 -0.30 1.99
C ARG A 141 -13.89 -0.84 0.59
N THR A 142 -13.87 0.05 -0.41
CA THR A 142 -14.13 -0.34 -1.77
C THR A 142 -13.04 -1.30 -2.25
N LEU A 143 -11.79 -0.90 -2.04
CA LEU A 143 -10.68 -1.71 -2.47
C LEU A 143 -10.66 -3.08 -1.79
N GLU A 144 -10.98 -3.13 -0.49
CA GLU A 144 -11.05 -4.46 0.21
C GLU A 144 -12.17 -5.36 -0.34
N ASP A 145 -13.35 -4.81 -0.64
CA ASP A 145 -14.45 -5.51 -1.30
C ASP A 145 -14.09 -6.03 -2.74
N ILE A 146 -13.37 -5.21 -3.52
CA ILE A 146 -12.89 -5.62 -4.87
C ILE A 146 -11.99 -6.83 -4.71
N LEU A 147 -10.98 -6.69 -3.87
CA LEU A 147 -9.97 -7.75 -3.67
C LEU A 147 -10.55 -9.05 -3.08
N ALA A 148 -11.62 -8.96 -2.30
CA ALA A 148 -12.36 -10.16 -1.84
C ALA A 148 -12.93 -11.06 -2.96
N ASP A 149 -13.29 -10.49 -4.12
N ASP A 149 -13.40 -10.43 -4.03
CA ASP A 149 -13.76 -11.25 -5.29
CA ASP A 149 -13.99 -11.10 -5.20
C ASP A 149 -12.82 -11.16 -6.49
C ASP A 149 -12.92 -11.47 -6.21
N ALA A 150 -11.54 -10.93 -6.24
N ALA A 150 -11.70 -10.97 -6.05
CA ALA A 150 -10.59 -10.68 -7.33
CA ALA A 150 -10.61 -11.31 -6.93
C ALA A 150 -9.76 -11.90 -7.66
C ALA A 150 -9.58 -12.09 -6.15
N PRO A 151 -9.79 -12.31 -8.93
N PRO A 151 -9.85 -13.38 -5.92
CA PRO A 151 -9.07 -13.50 -9.36
CA PRO A 151 -9.09 -14.15 -4.97
C PRO A 151 -7.56 -13.35 -9.32
C PRO A 151 -7.63 -14.30 -5.38
N GLU A 152 -7.02 -12.15 -9.59
N GLU A 152 -7.34 -14.14 -6.66
CA GLU A 152 -5.56 -11.97 -9.65
CA GLU A 152 -5.95 -14.20 -7.10
C GLU A 152 -4.90 -11.87 -8.28
C GLU A 152 -5.21 -12.88 -6.77
N SER A 153 -5.74 -11.77 -7.25
N SER A 153 -5.83 -11.72 -7.02
CA SER A 153 -5.29 -11.78 -5.86
CA SER A 153 -5.22 -10.46 -6.56
C SER A 153 -5.32 -13.21 -5.31
C SER A 153 -5.12 -10.39 -5.03
N GLN A 154 -4.25 -13.95 -5.52
N GLN A 154 -6.09 -10.93 -4.33
CA GLN A 154 -4.18 -15.34 -5.06
CA GLN A 154 -6.12 -10.77 -2.89
C GLN A 154 -3.31 -15.38 -3.81
C GLN A 154 -5.00 -11.55 -2.24
N ASN A 155 -3.49 -14.36 -2.98
N ASN A 155 -4.68 -12.68 -2.80
CA ASN A 155 -2.68 -14.25 -1.78
CA ASN A 155 -3.69 -13.50 -2.18
C ASN A 155 -1.44 -13.43 -2.09
C ASN A 155 -2.27 -13.01 -2.49
N ASN A 156 -1.58 -12.37 -2.89
N ASN A 156 -2.12 -12.05 -3.40
CA ASN A 156 -0.42 -11.57 -3.30
CA ASN A 156 -0.77 -11.49 -3.61
C ASN A 156 -0.47 -10.06 -3.06
C ASN A 156 -0.56 -10.05 -3.15
N CYS A 157 -1.41 -9.58 -2.24
CA CYS A 157 -1.31 -8.24 -1.68
C CYS A 157 -1.99 -8.19 -0.29
N ARG A 158 -1.55 -7.23 0.51
CA ARG A 158 -2.10 -6.94 1.83
C ARG A 158 -2.27 -5.43 2.03
N LEU A 159 -3.46 -5.02 2.44
CA LEU A 159 -3.77 -3.63 2.74
C LEU A 159 -3.40 -3.31 4.20
N ILE A 160 -2.65 -2.23 4.40
CA ILE A 160 -2.26 -1.76 5.74
C ILE A 160 -2.86 -0.35 5.92
N ALA A 161 -4.04 -0.28 6.53
CA ALA A 161 -4.74 1.02 6.77
C ALA A 161 -4.50 1.47 8.20
N TYR A 162 -4.22 2.74 8.39
CA TYR A 162 -3.91 3.27 9.70
C TYR A 162 -4.14 4.77 9.82
N GLN A 163 -4.49 5.15 11.04
CA GLN A 163 -4.72 6.51 11.46
C GLN A 163 -3.78 6.67 12.65
N GLU A 164 -2.96 7.72 12.61
CA GLU A 164 -2.09 8.07 13.72
C GLU A 164 -2.95 8.68 14.87
N PRO A 165 -2.47 8.60 16.14
CA PRO A 165 -3.29 9.12 17.29
C PRO A 165 -3.69 10.60 17.18
N ALA A 166 -4.87 10.95 17.71
CA ALA A 166 -5.43 12.31 17.60
C ALA A 166 -4.67 13.46 18.32
N ASP A 167 -3.84 13.13 19.32
CA ASP A 167 -3.15 14.13 20.18
C ASP A 167 -1.64 14.32 19.92
N ASP A 168 -1.18 14.03 18.70
CA ASP A 168 0.26 13.97 18.33
C ASP A 168 1.12 13.03 19.20
N SER A 169 0.49 11.93 19.65
CA SER A 169 1.19 10.84 20.36
C SER A 169 1.91 9.99 19.30
N SER A 170 3.04 9.40 19.70
CA SER A 170 3.99 8.76 18.77
C SER A 170 3.43 7.49 18.10
N PHE A 171 3.65 7.40 16.79
CA PHE A 171 3.24 6.28 15.96
C PHE A 171 4.49 5.68 15.33
N SER A 172 4.54 4.33 15.28
N SER A 172 4.62 4.34 15.33
CA SER A 172 5.59 3.60 14.57
CA SER A 172 5.68 3.63 14.57
C SER A 172 4.99 2.92 13.35
C SER A 172 5.05 2.91 13.37
N LEU A 173 5.30 3.44 12.17
CA LEU A 173 4.90 2.77 10.91
C LEU A 173 5.56 1.39 10.72
N SER A 174 6.83 1.26 11.14
CA SER A 174 7.54 -0.02 11.11
C SER A 174 6.83 -1.09 11.97
N GLN A 175 6.41 -0.73 13.18
CA GLN A 175 5.67 -1.66 14.03
C GLN A 175 4.33 -2.03 13.45
N GLU A 176 3.66 -1.07 12.80
CA GLU A 176 2.43 -1.33 12.05
C GLU A 176 2.63 -2.37 10.94
N VAL A 177 3.68 -2.18 10.13
CA VAL A 177 4.00 -3.14 9.03
C VAL A 177 4.36 -4.51 9.60
N LEU A 178 5.20 -4.53 10.62
CA LEU A 178 5.67 -5.79 11.22
C LEU A 178 4.54 -6.63 11.81
N ARG A 179 3.56 -5.96 12.43
CA ARG A 179 2.34 -6.62 12.93
C ARG A 179 1.66 -7.43 11.82
N HIS A 180 1.49 -6.81 10.64
CA HIS A 180 0.88 -7.48 9.49
C HIS A 180 1.72 -8.65 8.97
N LEU A 181 3.03 -8.43 8.81
CA LEU A 181 3.96 -9.53 8.41
C LEU A 181 3.92 -10.73 9.32
N ARG A 182 4.02 -10.50 10.63
CA ARG A 182 4.00 -11.61 11.61
C ARG A 182 2.68 -12.40 11.64
N GLN A 183 1.55 -11.76 11.30
CA GLN A 183 0.28 -12.48 11.12
C GLN A 183 0.39 -13.48 9.97
N GLU A 184 0.95 -13.05 8.83
CA GLU A 184 1.22 -13.93 7.68
C GLU A 184 2.16 -15.12 7.95
N GLU A 185 3.14 -14.93 8.82
CA GLU A 185 3.97 -16.05 9.31
C GLU A 185 3.14 -17.01 10.20
N LYS A 186 2.24 -16.45 11.03
CA LYS A 186 1.33 -17.26 11.89
C LYS A 186 0.30 -18.08 11.08
N GLU A 187 -0.30 -17.48 10.06
CA GLU A 187 -1.20 -18.17 9.10
C GLU A 187 -0.47 -18.48 7.79
C1 WWU B . 2.08 6.34 -19.32
C2 WWU B . 2.85 6.27 -18.15
C3 WWU B . 2.27 6.47 -16.92
C4 WWU B . 4.26 5.87 -15.75
C5 WWU B . 0.89 6.73 -16.84
C6 WWU B . 0.31 6.98 -14.38
C7 WWU B . 0.17 5.60 -13.81
C8 WWU B . -0.32 4.56 -14.50
C11 WWU B . 2.54 2.46 -13.07
C12 WWU B . 3.37 1.86 -15.25
C15 WWU B . 3.74 2.20 -12.43
C16 WWU B . 3.82 2.23 -11.04
C17 WWU B . 5.13 1.93 -10.38
C18 WWU B . 2.69 2.52 -10.27
C19 WWU B . 1.48 2.79 -10.92
C21 WWU B . -2.53 4.29 -10.42
C23 WWU B . -4.85 4.20 -11.65
C24 WWU B . -4.72 3.47 -12.96
C27 WWU B . -6.90 6.00 -9.33
C30 WWU B . -4.54 7.66 -14.81
C31 WWU B . -4.44 8.17 -13.56
C32 WWU B . -3.27 8.56 -12.70
C33 WWU B . -2.65 7.36 -11.99
C34 WWU B . -6.51 7.91 -13.95
C35 WWU B . -7.99 7.85 -13.94
C36 WWU B . 0.12 6.79 -18.01
C37 WWU B . 0.72 6.60 -19.26
O8 WWU B . 3.63 5.26 -20.75
C WWU B . 2.78 6.14 -20.65
N WWU B . 2.45 6.96 -21.63
O WWU B . 2.94 6.43 -15.74
N9 WWU B . -1.22 7.06 -17.70
C28 WWU B . -1.23 7.15 -16.38
N7 WWU B . -2.29 7.42 -15.58
C29 WWU B . -3.61 7.26 -15.88
O7 WWU B . -4.01 6.78 -16.95
O6 WWU B . -5.88 7.49 -15.09
N8 WWU B . -5.71 8.33 -13.03
N1 WWU B . 0.00 6.98 -15.82
C9 WWU B . -0.49 3.18 -13.96
N2 WWU B . 0.09 3.06 -12.61
C20 WWU B . -0.55 3.26 -11.42
N5 WWU B . -1.88 3.59 -11.39
O5 WWU B . -1.96 4.74 -9.42
C22 WWU B . -3.97 4.50 -10.67
O4 WWU B . -4.64 5.21 -9.70
C26 WWU B . -5.92 5.29 -10.18
N6 WWU B . -6.10 4.71 -11.31
C25 WWU B . -4.17 4.35 -14.07
N4 WWU B . 0.23 3.12 -10.37
C10 WWU B . 1.40 2.76 -12.32
O3 WWU B . 6.15 1.85 -11.07
N3 WWU B . 5.15 1.73 -9.07
O1 WWU B . 2.35 2.46 -14.42
C13 WWU B . 3.04 2.27 -16.66
C14 WWU B . 2.03 1.35 -17.31
O2 WWU B . 1.26 2.12 -18.23
#